data_6S27
#
_entry.id   6S27
#
_cell.length_a   111.441
_cell.length_b   111.441
_cell.length_c   35.240
_cell.angle_alpha   90.000
_cell.angle_beta   90.000
_cell.angle_gamma   90.000
#
_symmetry.space_group_name_H-M   'P 41 21 2'
#
loop_
_entity.id
_entity.type
_entity.pdbx_description
1 polymer 'Stimulator of interferon protein'
2 non-polymer "2'3'-cyclic-GMP-2'F-2'dAMP"
3 water water
#
_entity_poly.entity_id   1
_entity_poly.type   'polypeptide(L)'
_entity_poly.pdbx_seq_one_letter_code
;APAEISAVCEKGNFNVAHGLAWSYYIGYLRLILPELQARIRTYNQHYNNLLRGAVSQRLYILLPLDCGVPDNLSMADPNI
RFLDKLPQQTGDRAGIKDRVYSNSIYELLENGQRAGTCVLEYATPLQTLFAMSQYSQAGFSREDRLEQAKLFCRTLEDIL
ADAPESQNNCRLIAYQEPADDSSFSLSQEVLRHLRQEEKEEVTV
;
_entity_poly.pdbx_strand_id   A
#
loop_
_chem_comp.id
_chem_comp.type
_chem_comp.name
_chem_comp.formula
KT8 non-polymer 2'3'-cyclic-GMP-2'F-2'dAMP 'C20 H23 F N10 O12 P2'
#
# COMPACT_ATOMS: atom_id res chain seq x y z
N ASN A 15 9.55 20.24 -0.42
CA ASN A 15 9.72 19.09 -1.34
C ASN A 15 10.12 17.85 -0.54
N VAL A 16 9.41 17.58 0.55
CA VAL A 16 9.70 16.51 1.50
C VAL A 16 9.32 15.14 0.97
N ALA A 17 8.42 15.08 -0.03
CA ALA A 17 7.92 13.80 -0.46
C ALA A 17 9.03 12.90 -1.01
N HIS A 18 10.06 13.49 -1.61
CA HIS A 18 11.10 12.68 -2.24
C HIS A 18 11.81 11.80 -1.21
N GLY A 19 12.16 12.37 -0.05
CA GLY A 19 12.74 11.53 0.97
C GLY A 19 11.79 10.53 1.56
N LEU A 20 10.49 10.79 1.49
CA LEU A 20 9.55 9.85 2.06
C LEU A 20 9.36 8.66 1.14
N ALA A 21 9.43 8.92 -0.16
CA ALA A 21 9.42 7.84 -1.12
C ALA A 21 10.61 6.91 -0.90
N TRP A 22 11.79 7.46 -0.64
CA TRP A 22 12.95 6.59 -0.46
C TRP A 22 12.88 5.83 0.85
N SER A 23 12.46 6.50 1.93
CA SER A 23 12.24 5.78 3.19
C SER A 23 11.26 4.63 2.97
N TYR A 24 10.26 4.85 2.14
CA TYR A 24 9.26 3.83 1.89
C TYR A 24 9.86 2.63 1.17
N TYR A 25 10.80 2.88 0.26
CA TYR A 25 11.42 1.78 -0.45
C TYR A 25 12.42 1.08 0.46
N ILE A 26 13.41 1.85 0.93
CA ILE A 26 14.59 1.32 1.65
C ILE A 26 14.24 0.69 2.98
N GLY A 27 13.18 1.16 3.65
CA GLY A 27 12.79 0.60 4.92
C GLY A 27 11.63 -0.38 4.88
N TYR A 28 10.85 -0.41 3.82
CA TYR A 28 9.80 -1.41 3.75
C TYR A 28 9.78 -2.28 2.49
N LEU A 29 9.51 -1.66 1.34
CA LEU A 29 9.31 -2.40 0.11
C LEU A 29 10.51 -3.28 -0.21
N ARG A 30 11.71 -2.69 -0.17
CA ARG A 30 12.92 -3.47 -0.38
C ARG A 30 12.93 -4.71 0.49
N LEU A 31 12.32 -4.61 1.67
CA LEU A 31 12.39 -5.66 2.67
C LEU A 31 11.30 -6.73 2.49
N ILE A 32 10.11 -6.35 2.09
CA ILE A 32 9.01 -7.31 2.15
C ILE A 32 8.75 -7.89 0.77
N LEU A 33 8.98 -7.10 -0.28
CA LEU A 33 8.75 -7.61 -1.63
C LEU A 33 9.47 -8.93 -1.87
N PRO A 34 10.78 -9.05 -1.62
CA PRO A 34 11.43 -10.35 -1.82
C PRO A 34 10.69 -11.51 -1.18
N GLU A 35 10.29 -11.37 0.06
CA GLU A 35 9.64 -12.43 0.80
C GLU A 35 8.16 -12.58 0.46
N LEU A 36 7.64 -11.87 -0.54
CA LEU A 36 6.19 -11.67 -0.59
C LEU A 36 5.48 -12.85 -1.23
N GLN A 37 5.96 -13.29 -2.40
CA GLN A 37 5.28 -14.37 -3.10
C GLN A 37 5.35 -15.65 -2.29
N ALA A 38 6.50 -15.92 -1.67
CA ALA A 38 6.62 -17.07 -0.79
C ALA A 38 5.62 -17.00 0.38
N ARG A 39 5.34 -15.80 0.87
CA ARG A 39 4.36 -15.67 1.95
C ARG A 39 2.96 -15.86 1.45
N ILE A 40 2.72 -15.55 0.18
CA ILE A 40 1.37 -15.69 -0.37
C ILE A 40 1.06 -17.13 -0.71
N ARG A 41 2.02 -17.83 -1.33
CA ARG A 41 1.87 -19.27 -1.55
C ARG A 41 1.41 -19.98 -0.27
N THR A 42 2.09 -19.68 0.84
CA THR A 42 1.79 -20.33 2.11
C THR A 42 0.38 -20.07 2.61
N TYR A 43 -0.18 -18.87 2.34
CA TYR A 43 -1.60 -18.68 2.67
C TYR A 43 -2.48 -19.51 1.75
N ASN A 44 -2.13 -19.59 0.49
CA ASN A 44 -2.99 -20.29 -0.49
C ASN A 44 -2.98 -21.79 -0.20
N GLN A 45 -1.94 -22.30 0.44
CA GLN A 45 -1.79 -23.76 0.66
C GLN A 45 -2.12 -24.17 2.09
N HIS A 46 -2.42 -23.24 2.98
CA HIS A 46 -2.84 -23.54 4.37
C HIS A 46 -4.21 -22.95 4.67
N TYR A 47 -4.88 -22.66 3.55
CA TYR A 47 -6.23 -22.12 3.30
C TYR A 47 -6.47 -22.31 1.80
N ASN A 48 -7.66 -21.93 1.32
CA ASN A 48 -7.99 -22.09 -0.12
C ASN A 48 -7.25 -21.15 -1.08
N ALA A 54 -8.98 -17.97 -4.67
CA ALA A 54 -7.71 -17.80 -3.96
C ALA A 54 -7.10 -16.42 -4.24
N VAL A 55 -5.88 -16.18 -3.67
CA VAL A 55 -5.33 -14.83 -3.51
C VAL A 55 -4.39 -14.47 -4.65
N SER A 56 -4.36 -13.18 -4.99
CA SER A 56 -3.55 -12.68 -6.09
C SER A 56 -2.13 -12.34 -5.64
N GLN A 57 -1.18 -12.47 -6.57
CA GLN A 57 0.25 -12.49 -6.24
C GLN A 57 0.99 -11.16 -6.24
N ARG A 58 0.30 -10.04 -6.03
CA ARG A 58 0.95 -8.75 -5.93
C ARG A 58 0.48 -7.95 -4.72
N LEU A 59 1.37 -7.12 -4.20
CA LEU A 59 1.01 -6.14 -3.18
C LEU A 59 0.38 -4.90 -3.83
N TYR A 60 -0.89 -4.64 -3.56
CA TYR A 60 -1.55 -3.46 -4.11
C TYR A 60 -1.47 -2.32 -3.10
N ILE A 61 -0.74 -1.28 -3.45
CA ILE A 61 -0.47 -0.16 -2.57
C ILE A 61 -1.31 1.04 -3.01
N LEU A 62 -2.26 1.44 -2.16
CA LEU A 62 -3.16 2.56 -2.44
C LEU A 62 -2.47 3.92 -2.22
N LEU A 63 -2.41 4.76 -3.30
CA LEU A 63 -1.95 6.14 -3.18
C LEU A 63 -3.10 7.10 -3.46
N PRO A 64 -3.90 7.48 -2.46
CA PRO A 64 -4.87 8.58 -2.66
C PRO A 64 -4.12 9.90 -2.64
N LEU A 65 -4.40 10.75 -3.63
CA LEU A 65 -3.68 12.02 -3.74
C LEU A 65 -4.23 13.10 -2.82
N ASP A 66 -5.45 12.95 -2.32
CA ASP A 66 -5.87 13.89 -1.29
C ASP A 66 -5.21 13.59 0.05
N CYS A 67 -4.36 12.57 0.07
CA CYS A 67 -3.65 12.12 1.26
C CYS A 67 -4.63 11.74 2.38
N GLY A 68 -5.88 11.45 2.06
CA GLY A 68 -6.76 10.93 3.08
C GLY A 68 -6.46 9.46 3.25
N VAL A 69 -6.00 9.04 4.41
CA VAL A 69 -5.65 7.64 4.62
C VAL A 69 -6.34 7.13 5.88
N PRO A 70 -7.58 6.67 5.78
CA PRO A 70 -8.25 6.06 6.92
C PRO A 70 -7.53 4.81 7.39
N ASP A 71 -7.84 4.40 8.60
CA ASP A 71 -7.12 3.25 9.15
C ASP A 71 -7.85 1.96 8.88
N ASN A 72 -9.17 2.02 8.81
CA ASN A 72 -10.02 0.88 8.55
C ASN A 72 -10.33 0.96 7.07
N LEU A 73 -9.62 0.14 6.29
CA LEU A 73 -9.81 0.15 4.84
C LEU A 73 -11.29 0.01 4.48
N SER A 74 -12.02 -0.81 5.23
CA SER A 74 -13.42 -1.02 4.95
C SER A 74 -14.27 0.20 5.27
N MET A 75 -13.82 1.06 6.17
CA MET A 75 -14.55 2.29 6.45
C MET A 75 -14.49 3.26 5.27
N ALA A 76 -13.53 3.09 4.37
CA ALA A 76 -13.45 3.90 3.16
C ALA A 76 -14.36 3.39 2.03
N ASP A 77 -14.77 2.12 2.08
CA ASP A 77 -15.65 1.54 1.09
C ASP A 77 -16.17 0.25 1.72
N PRO A 78 -17.47 -0.01 1.67
CA PRO A 78 -17.98 -1.27 2.23
C PRO A 78 -17.64 -2.46 1.34
N ASN A 79 -17.53 -2.24 0.03
CA ASN A 79 -17.24 -3.32 -0.92
C ASN A 79 -15.84 -3.89 -0.72
N ILE A 80 -15.09 -3.35 0.24
CA ILE A 80 -13.77 -3.84 0.59
C ILE A 80 -13.85 -4.44 1.99
N ARG A 81 -13.74 -5.75 2.09
CA ARG A 81 -13.89 -6.44 3.37
C ARG A 81 -12.61 -7.20 3.70
N PHE A 82 -12.16 -7.07 4.95
CA PHE A 82 -11.00 -7.82 5.38
C PHE A 82 -11.31 -9.31 5.59
N LEU A 83 -10.43 -10.14 5.05
CA LEU A 83 -10.60 -11.59 5.13
C LEU A 83 -9.63 -12.28 6.08
N ASP A 84 -8.37 -11.89 6.03
CA ASP A 84 -7.35 -12.65 6.72
C ASP A 84 -6.06 -11.86 6.72
N LYS A 85 -5.23 -12.13 7.71
CA LYS A 85 -3.87 -11.64 7.70
C LYS A 85 -2.99 -12.66 7.00
N LEU A 86 -1.98 -12.17 6.30
CA LEU A 86 -0.97 -13.05 5.79
C LEU A 86 -0.08 -13.54 6.94
N PRO A 87 0.73 -14.55 6.71
CA PRO A 87 1.69 -14.94 7.74
C PRO A 87 2.62 -13.76 7.93
N GLN A 88 2.89 -13.42 9.20
CA GLN A 88 3.75 -12.29 9.54
C GLN A 88 5.14 -12.49 8.95
N GLN A 89 5.87 -11.39 8.75
CA GLN A 89 7.29 -11.43 8.50
C GLN A 89 8.00 -10.87 9.73
N THR A 90 9.14 -11.45 10.10
CA THR A 90 9.90 -10.96 11.23
C THR A 90 11.34 -10.77 10.81
N GLY A 91 11.98 -9.82 11.47
CA GLY A 91 13.41 -9.67 11.28
C GLY A 91 13.94 -8.75 12.36
N ASP A 92 15.21 -8.96 12.69
CA ASP A 92 15.91 -8.09 13.61
C ASP A 92 16.31 -6.82 12.87
N ARG A 93 15.80 -5.67 13.30
CA ARG A 93 16.04 -4.43 12.59
C ARG A 93 16.39 -3.32 13.55
N ALA A 94 17.62 -2.81 13.44
CA ALA A 94 18.08 -1.63 14.16
C ALA A 94 17.75 -1.73 15.66
N GLY A 95 18.19 -2.84 16.26
CA GLY A 95 18.05 -3.08 17.68
C GLY A 95 16.79 -3.81 18.13
N ILE A 96 15.69 -3.72 17.39
CA ILE A 96 14.44 -4.37 17.77
C ILE A 96 14.50 -5.84 17.39
N LYS A 97 14.41 -6.74 18.39
CA LYS A 97 14.38 -8.17 18.06
C LYS A 97 12.99 -8.53 17.56
N ASP A 98 12.95 -9.28 16.46
CA ASP A 98 11.71 -9.76 15.85
C ASP A 98 10.67 -8.71 15.50
N ARG A 99 11.12 -7.67 14.80
CA ARG A 99 10.20 -6.66 14.29
C ARG A 99 9.25 -7.23 13.26
N VAL A 100 7.99 -6.81 13.31
CA VAL A 100 6.89 -7.54 12.67
C VAL A 100 6.29 -6.71 11.54
N TYR A 101 6.45 -7.18 10.31
CA TYR A 101 5.74 -6.67 9.14
C TYR A 101 4.51 -7.54 8.88
N SER A 102 3.32 -6.95 9.00
CA SER A 102 2.07 -7.65 8.77
C SER A 102 1.39 -7.11 7.53
N ASN A 103 0.61 -7.95 6.88
CA ASN A 103 -0.14 -7.51 5.72
C ASN A 103 -1.50 -8.19 5.76
N SER A 104 -2.51 -7.47 5.29
CA SER A 104 -3.92 -7.86 5.39
C SER A 104 -4.50 -8.18 4.00
N ILE A 105 -5.20 -9.32 3.90
CA ILE A 105 -5.84 -9.76 2.66
C ILE A 105 -7.29 -9.27 2.66
N TYR A 106 -7.69 -8.64 1.54
CA TYR A 106 -9.01 -8.07 1.37
C TYR A 106 -9.69 -8.75 0.21
N GLU A 107 -11.01 -8.87 0.34
CA GLU A 107 -11.99 -9.39 -0.65
C GLU A 107 -12.69 -8.16 -1.22
N LEU A 108 -12.81 -8.06 -2.52
CA LEU A 108 -13.46 -6.91 -3.13
C LEU A 108 -14.77 -7.36 -3.74
N LEU A 109 -15.86 -6.77 -3.25
CA LEU A 109 -17.23 -7.14 -3.69
C LEU A 109 -17.70 -6.16 -4.77
N GLU A 110 -18.73 -6.56 -5.51
CA GLU A 110 -19.33 -5.76 -6.56
C GLU A 110 -20.71 -6.35 -6.80
N ASN A 111 -21.73 -5.51 -6.75
CA ASN A 111 -23.12 -5.96 -6.74
C ASN A 111 -23.37 -7.20 -5.88
N GLY A 112 -22.79 -7.18 -4.68
CA GLY A 112 -22.94 -8.27 -3.71
C GLY A 112 -22.20 -9.55 -4.05
N GLN A 113 -21.43 -9.57 -5.15
CA GLN A 113 -20.59 -10.69 -5.54
C GLN A 113 -19.14 -10.31 -5.27
N ARG A 114 -18.34 -11.23 -4.76
CA ARG A 114 -16.94 -10.94 -4.57
C ARG A 114 -16.20 -11.27 -5.86
N ALA A 115 -15.55 -10.26 -6.44
CA ALA A 115 -14.92 -10.34 -7.74
C ALA A 115 -13.39 -10.33 -7.67
N GLY A 116 -12.81 -10.34 -6.47
CA GLY A 116 -11.36 -10.28 -6.35
C GLY A 116 -10.90 -10.51 -4.93
N THR A 117 -9.59 -10.76 -4.81
CA THR A 117 -8.89 -10.96 -3.54
C THR A 117 -7.44 -10.56 -3.72
N CYS A 118 -6.90 -9.76 -2.80
CA CYS A 118 -5.48 -9.37 -2.89
C CYS A 118 -4.98 -8.87 -1.54
N VAL A 119 -3.67 -8.68 -1.46
CA VAL A 119 -3.09 -7.95 -0.34
C VAL A 119 -3.17 -6.46 -0.66
N LEU A 120 -3.91 -5.73 0.18
CA LEU A 120 -4.24 -4.33 -0.06
C LEU A 120 -3.83 -3.49 1.14
N GLU A 121 -3.35 -2.28 0.86
CA GLU A 121 -2.94 -1.39 1.94
C GLU A 121 -2.68 -0.01 1.36
N TYR A 122 -2.74 0.97 2.24
CA TYR A 122 -2.36 2.33 1.91
C TYR A 122 -0.86 2.49 2.00
N ALA A 123 -0.37 3.60 1.44
CA ALA A 123 1.03 4.00 1.59
C ALA A 123 1.15 4.88 2.83
N THR A 124 1.63 4.30 3.94
CA THR A 124 1.64 5.02 5.21
C THR A 124 2.36 6.36 5.14
N PRO A 125 3.43 6.54 4.37
CA PRO A 125 4.01 7.88 4.21
C PRO A 125 2.99 8.96 3.88
N LEU A 126 1.94 8.65 3.12
CA LEU A 126 0.92 9.64 2.85
C LEU A 126 0.28 10.14 4.15
N GLN A 127 0.21 9.28 5.17
CA GLN A 127 -0.26 9.73 6.48
C GLN A 127 0.71 10.73 7.10
N THR A 128 1.99 10.45 7.01
CA THR A 128 2.95 11.42 7.51
C THR A 128 2.78 12.77 6.81
N LEU A 129 2.47 12.76 5.50
CA LEU A 129 2.36 14.01 4.77
C LEU A 129 1.19 14.84 5.24
N PHE A 130 0.02 14.20 5.34
CA PHE A 130 -1.15 14.86 5.92
C PHE A 130 -0.81 15.47 7.27
N ALA A 131 -0.34 14.66 8.22
CA ALA A 131 -0.01 15.17 9.54
C ALA A 131 0.93 16.36 9.53
N MET A 132 1.99 16.25 8.74
CA MET A 132 2.96 17.33 8.62
C MET A 132 2.29 18.66 8.23
N SER A 133 1.19 18.63 7.49
CA SER A 133 0.62 19.90 7.04
C SER A 133 -0.25 20.59 8.10
N GLN A 134 -0.50 19.96 9.25
CA GLN A 134 -1.16 20.65 10.36
C GLN A 134 -0.20 21.16 11.41
N TYR A 135 0.95 20.52 11.59
CA TYR A 135 1.88 20.89 12.63
C TYR A 135 2.73 22.07 12.18
N SER A 136 2.76 23.12 13.00
CA SER A 136 3.21 24.42 12.52
C SER A 136 4.71 24.43 12.28
N GLN A 137 5.48 23.77 13.14
CA GLN A 137 6.92 23.84 13.00
C GLN A 137 7.47 22.84 12.00
N ALA A 138 6.58 22.27 11.19
CA ALA A 138 6.98 21.39 10.10
C ALA A 138 7.19 22.13 8.80
N GLY A 139 6.75 23.38 8.74
CA GLY A 139 6.96 24.24 7.59
C GLY A 139 6.49 23.61 6.30
N PHE A 140 5.19 23.34 6.24
CA PHE A 140 4.62 22.61 5.11
C PHE A 140 3.18 23.14 5.09
N SER A 141 2.81 23.80 4.00
CA SER A 141 1.53 24.49 3.99
C SER A 141 0.44 23.44 3.75
N ARG A 142 -0.80 23.80 4.11
CA ARG A 142 -1.91 22.90 3.81
C ARG A 142 -2.01 22.63 2.31
N GLU A 143 -1.73 23.64 1.47
CA GLU A 143 -1.95 23.52 0.02
C GLU A 143 -0.87 22.76 -0.72
N ASP A 144 0.28 22.60 -0.10
CA ASP A 144 1.39 21.87 -0.71
C ASP A 144 1.10 20.38 -0.66
N ARG A 145 0.01 19.97 -0.05
CA ARG A 145 -0.27 18.55 0.11
C ARG A 145 -0.40 17.86 -1.24
N LEU A 146 -1.28 18.38 -2.10
CA LEU A 146 -1.58 17.64 -3.31
C LEU A 146 -0.34 17.50 -4.21
N GLU A 147 0.55 18.51 -4.26
CA GLU A 147 1.76 18.35 -5.09
C GLU A 147 2.82 17.47 -4.44
N GLN A 148 2.90 17.46 -3.12
CA GLN A 148 3.73 16.47 -2.45
C GLN A 148 3.20 15.05 -2.68
N ALA A 149 1.90 14.87 -2.64
CA ALA A 149 1.35 13.57 -2.93
C ALA A 149 1.74 13.11 -4.32
N LYS A 150 1.76 14.03 -5.29
CA LYS A 150 2.11 13.67 -6.67
C LYS A 150 3.60 13.37 -6.78
N LEU A 151 4.43 14.20 -6.15
CA LEU A 151 5.87 13.98 -6.18
C LEU A 151 6.25 12.68 -5.47
N PHE A 152 5.46 12.27 -4.48
CA PHE A 152 5.70 10.99 -3.82
C PHE A 152 5.32 9.82 -4.72
N CYS A 153 4.13 9.88 -5.34
CA CYS A 153 3.77 8.82 -6.28
C CYS A 153 4.80 8.71 -7.39
N ARG A 154 5.24 9.87 -7.91
CA ARG A 154 6.19 9.90 -9.01
C ARG A 154 7.52 9.31 -8.58
N THR A 155 8.09 9.78 -7.47
CA THR A 155 9.39 9.29 -7.04
C THR A 155 9.33 7.80 -6.72
N LEU A 156 8.25 7.36 -6.09
CA LEU A 156 8.07 5.92 -5.92
C LEU A 156 8.15 5.19 -7.26
N GLU A 157 7.37 5.63 -8.24
CA GLU A 157 7.27 4.92 -9.52
C GLU A 157 8.62 4.79 -10.20
N ASP A 158 9.40 5.86 -10.21
CA ASP A 158 10.79 5.71 -10.61
C ASP A 158 11.42 4.54 -9.88
N ILE A 159 11.40 4.59 -8.55
CA ILE A 159 12.10 3.57 -7.77
C ILE A 159 11.64 2.17 -8.18
N LEU A 160 10.33 1.94 -8.14
CA LEU A 160 9.85 0.57 -8.37
C LEU A 160 10.15 0.07 -9.78
N ALA A 161 10.27 0.97 -10.76
CA ALA A 161 10.65 0.52 -12.09
C ALA A 161 12.03 -0.10 -12.08
N ASP A 162 13.02 0.67 -11.62
CA ASP A 162 14.38 0.17 -11.47
C ASP A 162 14.54 -0.80 -10.32
N ALA A 163 13.53 -1.00 -9.49
CA ALA A 163 13.74 -1.78 -8.30
C ALA A 163 13.93 -3.24 -8.69
N PRO A 164 15.10 -3.85 -8.40
CA PRO A 164 15.24 -5.29 -8.67
C PRO A 164 14.32 -6.12 -7.79
N GLU A 165 14.18 -5.76 -6.51
CA GLU A 165 13.22 -6.43 -5.67
C GLU A 165 11.83 -6.39 -6.28
N SER A 166 11.59 -5.47 -7.22
CA SER A 166 10.27 -5.28 -7.83
C SER A 166 10.16 -5.78 -9.24
N GLN A 167 9.59 -6.96 -9.36
CA GLN A 167 9.34 -7.70 -10.62
C GLN A 167 8.01 -8.37 -10.52
N ASN A 168 6.94 -7.78 -11.06
CA ASN A 168 5.63 -8.39 -10.95
C ASN A 168 5.09 -8.66 -9.54
N ASN A 169 5.46 -7.83 -8.55
CA ASN A 169 5.06 -8.09 -7.16
C ASN A 169 4.31 -6.95 -6.50
N CYS A 170 4.40 -5.72 -7.01
CA CYS A 170 3.45 -4.74 -6.50
C CYS A 170 3.03 -3.77 -7.60
N ARG A 171 1.84 -3.22 -7.39
CA ARG A 171 1.15 -2.32 -8.30
C ARG A 171 0.74 -1.09 -7.52
N LEU A 172 1.21 0.08 -7.96
CA LEU A 172 0.79 1.35 -7.38
C LEU A 172 -0.60 1.72 -7.87
N ILE A 173 -1.47 2.12 -6.95
CA ILE A 173 -2.79 2.56 -7.34
C ILE A 173 -3.04 3.99 -6.89
N ALA A 174 -2.58 4.98 -7.64
CA ALA A 174 -2.83 6.37 -7.30
C ALA A 174 -4.18 6.80 -7.88
N TYR A 175 -4.81 7.77 -7.22
CA TYR A 175 -6.09 8.28 -7.69
C TYR A 175 -6.40 9.60 -7.01
N GLN A 176 -7.35 10.33 -7.59
CA GLN A 176 -7.92 11.51 -6.97
C GLN A 176 -9.41 11.55 -7.32
N GLU A 177 -10.18 12.18 -6.45
CA GLU A 177 -11.64 12.14 -6.56
C GLU A 177 -12.23 13.45 -7.08
N PHE A 184 -17.52 8.39 -6.49
CA PHE A 184 -16.27 7.63 -6.72
C PHE A 184 -16.32 6.28 -6.00
N SER A 185 -15.87 5.20 -6.65
CA SER A 185 -15.82 3.87 -6.06
C SER A 185 -14.36 3.42 -5.96
N LEU A 186 -13.90 3.13 -4.74
CA LEU A 186 -12.55 2.60 -4.54
C LEU A 186 -12.50 1.13 -4.94
N SER A 187 -13.49 0.36 -4.49
CA SER A 187 -13.60 -1.04 -4.88
C SER A 187 -13.53 -1.19 -6.40
N GLN A 188 -14.30 -0.37 -7.14
CA GLN A 188 -14.23 -0.41 -8.59
C GLN A 188 -12.85 -0.01 -9.10
N GLU A 189 -12.19 0.92 -8.41
CA GLU A 189 -10.90 1.39 -8.90
C GLU A 189 -9.85 0.32 -8.73
N VAL A 190 -9.92 -0.46 -7.65
CA VAL A 190 -8.97 -1.55 -7.43
C VAL A 190 -9.26 -2.70 -8.38
N LEU A 191 -10.53 -3.13 -8.46
CA LEU A 191 -10.92 -4.11 -9.45
C LEU A 191 -10.37 -3.76 -10.84
N ARG A 192 -10.26 -2.47 -11.17
CA ARG A 192 -9.68 -2.10 -12.46
C ARG A 192 -8.29 -2.71 -12.65
N HIS A 193 -7.35 -2.39 -11.76
CA HIS A 193 -5.98 -2.88 -11.91
C HIS A 193 -5.89 -4.38 -11.85
N LEU A 194 -6.63 -5.01 -10.93
CA LEU A 194 -6.63 -6.46 -10.84
C LEU A 194 -6.94 -7.15 -12.17
N ARG A 195 -7.90 -6.60 -12.92
CA ARG A 195 -8.46 -7.19 -14.12
C ARG A 195 -7.53 -6.93 -15.30
N GLN A 196 -6.33 -6.40 -15.04
CA GLN A 196 -5.42 -6.09 -16.12
C GLN A 196 -4.40 -7.20 -16.40
N GLU A 197 -4.20 -8.15 -15.50
CA GLU A 197 -3.36 -9.34 -15.78
C GLU A 197 -4.25 -10.57 -15.61
C1 KT8 B . 5.83 0.44 6.98
N2 KT8 B . 6.85 1.24 6.96
C3 KT8 B . 5.14 -1.67 8.09
C4 KT8 B . 7.78 0.74 7.76
N5 KT8 B . 10.47 2.06 14.25
C11 KT8 B . 9.34 2.22 13.56
C13 KT8 B . 8.61 0.03 14.40
C14 KT8 B . 7.68 2.82 12.35
C15 KT8 B . 9.87 4.38 10.23
C16 KT8 B . 10.52 3.87 11.49
C17 KT8 B . 9.59 4.38 12.52
N KT8 B . 4.01 -1.56 7.44
C KT8 B . 3.80 -0.54 6.63
O KT8 B . 5.34 -2.63 8.84
C10 KT8 B . 10.68 0.97 14.97
C12 KT8 B . 8.32 1.21 13.61
C18 KT8 B . 9.21 5.68 10.63
C19 KT8 B . 7.95 6.07 9.91
C2 KT8 B . 6.16 -0.65 7.88
C5 KT8 B . 8.41 4.43 6.49
C6 KT8 B . 7.28 3.66 7.13
C7 KT8 B . 7.01 2.49 6.20
C8 KT8 B . 9.08 3.40 5.66
C9 KT8 B . 10.32 2.94 6.35
F1 KT8 B . 11.79 4.33 11.73
N1 KT8 B . 4.66 0.44 6.39
N3 KT8 B . 7.37 -0.40 8.33
N4 KT8 B . 9.78 -0.01 15.04
N6 KT8 B . 8.87 3.16 12.81
N7 KT8 B . 7.33 1.62 12.82
N8 KT8 B . 2.63 -0.45 6.00
N9 KT8 B . 7.73 -0.97 14.49
O1 KT8 B . 8.20 2.31 5.51
O10 KT8 B . 8.03 5.51 5.67
O2 KT8 B . 10.02 2.72 7.70
O20 KT8 B . 11.04 1.93 9.69
O21 KT8 B . 5.00 3.86 9.37
O3 KT8 B . 12.45 2.94 8.04
O4 KT8 B . 5.13 6.17 8.87
O5 KT8 B . 8.79 5.39 11.94
O7 KT8 B . 10.87 4.38 9.27
O8 KT8 B . 7.09 4.96 9.81
O9 KT8 B . 6.19 4.52 7.38
P KT8 B . 11.16 2.96 8.70
P1 KT8 B . 5.85 4.90 8.85
H9 KT8 B . 8.75 1.15 7.94
H15 KT8 B . 7.06 3.42 11.70
H4 KT8 B . 9.09 3.66 9.95
H5 KT8 B . 10.52 2.79 11.50
H6 KT8 B . 10.14 4.74 13.39
H8 KT8 B . 3.31 -2.28 7.61
H14 KT8 B . 11.60 0.88 15.52
H7 KT8 B . 9.95 6.51 10.62
H18 KT8 B . 7.46 6.88 10.45
H17 KT8 B . 8.20 6.44 8.91
H KT8 B . 9.10 4.78 7.28
H1 KT8 B . 7.65 3.28 8.10
H2 KT8 B . 6.16 2.69 5.54
H3 KT8 B . 9.34 3.84 4.69
H11 KT8 B . 10.67 2.02 5.89
H10 KT8 B . 11.11 3.69 6.25
H20 KT8 B . 1.98 0.02 5.45
H21 KT8 B . 2.09 -1.18 6.29
H23 KT8 B . 6.86 -0.89 13.98
H22 KT8 B . 7.91 -1.78 15.03
H19 KT8 B . 7.31 6.00 6.09
#